data_4TTL
# 
_entry.id   4TTL 
# 
_audit_conform.dict_name       mmcif_pdbx.dic 
_audit_conform.dict_version    5.398 
_audit_conform.dict_location   http://mmcif.pdb.org/dictionaries/ascii/mmcif_pdbx.dic 
# 
loop_
_database_2.database_id 
_database_2.database_code 
_database_2.pdbx_database_accession 
_database_2.pdbx_DOI 
PDB   4TTL         pdb_00004ttl 10.2210/pdb4ttl/pdb 
WWPDB D_1000202132 ?            ?                   
# 
loop_
_pdbx_audit_revision_history.ordinal 
_pdbx_audit_revision_history.data_content_type 
_pdbx_audit_revision_history.major_revision 
_pdbx_audit_revision_history.minor_revision 
_pdbx_audit_revision_history.revision_date 
1 'Structure model' 1 0 2014-09-10 
2 'Structure model' 1 1 2014-10-22 
3 'Structure model' 1 2 2016-07-20 
4 'Structure model' 1 3 2017-09-06 
5 'Structure model' 1 4 2020-01-01 
6 'Structure model' 1 5 2023-12-27 
7 'Structure model' 1 6 2024-11-06 
# 
_pdbx_audit_revision_details.ordinal             1 
_pdbx_audit_revision_details.revision_ordinal    1 
_pdbx_audit_revision_details.data_content_type   'Structure model' 
_pdbx_audit_revision_details.provider            repository 
_pdbx_audit_revision_details.type                'Initial release' 
_pdbx_audit_revision_details.description         ? 
_pdbx_audit_revision_details.details             ? 
# 
loop_
_pdbx_audit_revision_group.ordinal 
_pdbx_audit_revision_group.revision_ordinal 
_pdbx_audit_revision_group.data_content_type 
_pdbx_audit_revision_group.group 
1 2 'Structure model' 'Database references'        
2 3 'Structure model' 'Data collection'            
3 4 'Structure model' 'Author supporting evidence' 
4 4 'Structure model' 'Derived calculations'       
5 5 'Structure model' 'Author supporting evidence' 
6 5 'Structure model' 'Derived calculations'       
7 6 'Structure model' 'Data collection'            
8 6 'Structure model' 'Database references'        
9 7 'Structure model' 'Structure summary'          
# 
loop_
_pdbx_audit_revision_category.ordinal 
_pdbx_audit_revision_category.revision_ordinal 
_pdbx_audit_revision_category.data_content_type 
_pdbx_audit_revision_category.category 
1 4 'Structure model' pdbx_audit_support        
2 4 'Structure model' pdbx_struct_oper_list     
3 5 'Structure model' pdbx_audit_support        
4 5 'Structure model' struct_conn               
5 6 'Structure model' chem_comp_atom            
6 6 'Structure model' chem_comp_bond            
7 6 'Structure model' database_2                
8 7 'Structure model' pdbx_entry_details        
9 7 'Structure model' pdbx_modification_feature 
# 
loop_
_pdbx_audit_revision_item.ordinal 
_pdbx_audit_revision_item.revision_ordinal 
_pdbx_audit_revision_item.data_content_type 
_pdbx_audit_revision_item.item 
1 4 'Structure model' '_pdbx_audit_support.funding_organization'  
2 4 'Structure model' '_pdbx_struct_oper_list.symmetry_operation' 
3 5 'Structure model' '_pdbx_audit_support.funding_organization'  
4 5 'Structure model' '_struct_conn.pdbx_leaving_atom_flag'       
5 6 'Structure model' '_database_2.pdbx_DOI'                      
6 6 'Structure model' '_database_2.pdbx_database_accession'       
# 
_pdbx_database_status.status_code                     REL 
_pdbx_database_status.status_code_sf                  REL 
_pdbx_database_status.status_code_mr                  ? 
_pdbx_database_status.entry_id                        4TTL 
_pdbx_database_status.recvd_initial_deposition_date   2014-06-22 
_pdbx_database_status.SG_entry                        N 
_pdbx_database_status.deposit_site                    RCSB 
_pdbx_database_status.process_site                    RCSB 
_pdbx_database_status.status_code_cs                  ? 
_pdbx_database_status.methods_development_category    ? 
_pdbx_database_status.pdb_format_compatible           Y 
_pdbx_database_status.status_code_nmr_data            ? 
# 
loop_
_audit_author.name 
_audit_author.pdbx_ordinal 
'Wang, C.K.'  1 
'King, G.J.'  2 
'Craik, D.J.' 3 
# 
_citation.abstract                  ? 
_citation.abstract_id_CAS           ? 
_citation.book_id_ISBN              ? 
_citation.book_publisher            ? 
_citation.book_publisher_city       ? 
_citation.book_title                ? 
_citation.coordinate_linkage        ? 
_citation.country                   GE 
_citation.database_id_Medline       ? 
_citation.details                   ? 
_citation.id                        primary 
_citation.journal_abbrev            Angew.Chem.Int.Ed.Engl. 
_citation.journal_id_ASTM           ACIEAY 
_citation.journal_id_CSD            0179 
_citation.journal_id_ISSN           1521-3773 
_citation.journal_full              ? 
_citation.journal_issue             ? 
_citation.journal_volume            53 
_citation.language                  ? 
_citation.page_first                11236 
_citation.page_last                 11241 
_citation.title                     'Racemic and Quasi-Racemic X-ray Structures of Cyclic Disulfide-Rich Peptide Drug Scaffolds.' 
_citation.year                      2014 
_citation.database_id_CSD           ? 
_citation.pdbx_database_id_DOI      10.1002/anie.201406563 
_citation.pdbx_database_id_PubMed   25168664 
_citation.unpublished_flag          ? 
# 
loop_
_citation_author.citation_id 
_citation_author.name 
_citation_author.ordinal 
_citation_author.identifier_ORCID 
primary 'Wang, C.K.'       1 ? 
primary 'King, G.J.'       2 ? 
primary 'Northfield, S.E.' 3 ? 
primary 'Ojeda, P.G.'      4 ? 
primary 'Craik, D.J.'      5 ? 
# 
loop_
_entity.id 
_entity.type 
_entity.src_method 
_entity.pdbx_description 
_entity.formula_weight 
_entity.pdbx_number_of_molecules 
_entity.pdbx_ec 
_entity.pdbx_mutation 
_entity.pdbx_fragment 
_entity.details 
1 polymer syn 'Alpha-conotoxin Vc1A' 2184.373 1  ? ? ? ? 
2 water   nat water                  18.015   21 ? ? ? ? 
# 
_entity_name_com.entity_id   1 
_entity_name_com.name        Alpha-Vc1A,Vc1.1 
# 
_entity_poly.entity_id                      1 
_entity_poly.type                           'polypeptide(L)' 
_entity_poly.nstd_linkage                   no 
_entity_poly.nstd_monomer                   no 
_entity_poly.pdbx_seq_one_letter_code       GCCSDPRCNYDHPEICGGAAGG 
_entity_poly.pdbx_seq_one_letter_code_can   GCCSDPRCNYDHPEICGGAAGG 
_entity_poly.pdbx_strand_id                 A 
_entity_poly.pdbx_target_identifier         ? 
# 
_pdbx_entity_nonpoly.entity_id   2 
_pdbx_entity_nonpoly.name        water 
_pdbx_entity_nonpoly.comp_id     HOH 
# 
loop_
_entity_poly_seq.entity_id 
_entity_poly_seq.num 
_entity_poly_seq.mon_id 
_entity_poly_seq.hetero 
1 1  GLY n 
1 2  CYS n 
1 3  CYS n 
1 4  SER n 
1 5  ASP n 
1 6  PRO n 
1 7  ARG n 
1 8  CYS n 
1 9  ASN n 
1 10 TYR n 
1 11 ASP n 
1 12 HIS n 
1 13 PRO n 
1 14 GLU n 
1 15 ILE n 
1 16 CYS n 
1 17 GLY n 
1 18 GLY n 
1 19 ALA n 
1 20 ALA n 
1 21 GLY n 
1 22 GLY n 
# 
_pdbx_entity_src_syn.entity_id              1 
_pdbx_entity_src_syn.pdbx_src_id            1 
_pdbx_entity_src_syn.pdbx_alt_source_flag   sample 
_pdbx_entity_src_syn.pdbx_beg_seq_num       1 
_pdbx_entity_src_syn.pdbx_end_seq_num       22 
_pdbx_entity_src_syn.organism_scientific    'Conus victoriae' 
_pdbx_entity_src_syn.organism_common_name   'Queen Victoria cone' 
_pdbx_entity_src_syn.ncbi_taxonomy_id       319920 
_pdbx_entity_src_syn.details                ? 
# 
loop_
_chem_comp.id 
_chem_comp.type 
_chem_comp.mon_nstd_flag 
_chem_comp.name 
_chem_comp.pdbx_synonyms 
_chem_comp.formula 
_chem_comp.formula_weight 
ALA 'L-peptide linking' y ALANINE         ? 'C3 H7 N O2'     89.093  
ARG 'L-peptide linking' y ARGININE        ? 'C6 H15 N4 O2 1' 175.209 
ASN 'L-peptide linking' y ASPARAGINE      ? 'C4 H8 N2 O3'    132.118 
ASP 'L-peptide linking' y 'ASPARTIC ACID' ? 'C4 H7 N O4'     133.103 
CYS 'L-peptide linking' y CYSTEINE        ? 'C3 H7 N O2 S'   121.158 
GLU 'L-peptide linking' y 'GLUTAMIC ACID' ? 'C5 H9 N O4'     147.129 
GLY 'peptide linking'   y GLYCINE         ? 'C2 H5 N O2'     75.067  
HIS 'L-peptide linking' y HISTIDINE       ? 'C6 H10 N3 O2 1' 156.162 
HOH non-polymer         . WATER           ? 'H2 O'           18.015  
ILE 'L-peptide linking' y ISOLEUCINE      ? 'C6 H13 N O2'    131.173 
PRO 'L-peptide linking' y PROLINE         ? 'C5 H9 N O2'     115.130 
SER 'L-peptide linking' y SERINE          ? 'C3 H7 N O3'     105.093 
TYR 'L-peptide linking' y TYROSINE        ? 'C9 H11 N O3'    181.189 
# 
loop_
_pdbx_poly_seq_scheme.asym_id 
_pdbx_poly_seq_scheme.entity_id 
_pdbx_poly_seq_scheme.seq_id 
_pdbx_poly_seq_scheme.mon_id 
_pdbx_poly_seq_scheme.ndb_seq_num 
_pdbx_poly_seq_scheme.pdb_seq_num 
_pdbx_poly_seq_scheme.auth_seq_num 
_pdbx_poly_seq_scheme.pdb_mon_id 
_pdbx_poly_seq_scheme.auth_mon_id 
_pdbx_poly_seq_scheme.pdb_strand_id 
_pdbx_poly_seq_scheme.pdb_ins_code 
_pdbx_poly_seq_scheme.hetero 
A 1 1  GLY 1  1  1  GLY GLY A . n 
A 1 2  CYS 2  2  2  CYS CYS A . n 
A 1 3  CYS 3  3  3  CYS CYS A . n 
A 1 4  SER 4  4  4  SER SER A . n 
A 1 5  ASP 5  5  5  ASP ASP A . n 
A 1 6  PRO 6  6  6  PRO PRO A . n 
A 1 7  ARG 7  7  7  ARG ARG A . n 
A 1 8  CYS 8  8  8  CYS CYS A . n 
A 1 9  ASN 9  9  9  ASN ASN A . n 
A 1 10 TYR 10 10 10 TYR TYR A . n 
A 1 11 ASP 11 11 11 ASP ASP A . n 
A 1 12 HIS 12 12 12 HIS HIS A . n 
A 1 13 PRO 13 13 13 PRO PRO A . n 
A 1 14 GLU 14 14 14 GLU GLU A . n 
A 1 15 ILE 15 15 15 ILE ILE A . n 
A 1 16 CYS 16 16 16 CYS CYS A . n 
A 1 17 GLY 17 17 17 GLY GLY A . n 
A 1 18 GLY 18 18 18 GLY GLY A . n 
A 1 19 ALA 19 19 19 ALA ALA A . n 
A 1 20 ALA 20 20 20 ALA ALA A . n 
A 1 21 GLY 21 21 21 GLY GLY A . n 
A 1 22 GLY 22 22 22 GLY GLY A . n 
# 
loop_
_pdbx_nonpoly_scheme.asym_id 
_pdbx_nonpoly_scheme.entity_id 
_pdbx_nonpoly_scheme.mon_id 
_pdbx_nonpoly_scheme.ndb_seq_num 
_pdbx_nonpoly_scheme.pdb_seq_num 
_pdbx_nonpoly_scheme.auth_seq_num 
_pdbx_nonpoly_scheme.pdb_mon_id 
_pdbx_nonpoly_scheme.auth_mon_id 
_pdbx_nonpoly_scheme.pdb_strand_id 
_pdbx_nonpoly_scheme.pdb_ins_code 
B 2 HOH 1  101 19 HOH HOH A . 
B 2 HOH 2  102 15 HOH HOH A . 
B 2 HOH 3  103 11 HOH HOH A . 
B 2 HOH 4  104 12 HOH HOH A . 
B 2 HOH 5  105 6  HOH HOH A . 
B 2 HOH 6  106 14 HOH HOH A . 
B 2 HOH 7  107 21 HOH HOH A . 
B 2 HOH 8  108 1  HOH HOH A . 
B 2 HOH 9  109 17 HOH HOH A . 
B 2 HOH 10 110 18 HOH HOH A . 
B 2 HOH 11 111 9  HOH HOH A . 
B 2 HOH 12 112 3  HOH HOH A . 
B 2 HOH 13 113 5  HOH HOH A . 
B 2 HOH 14 114 4  HOH HOH A . 
B 2 HOH 15 115 7  HOH HOH A . 
B 2 HOH 16 116 2  HOH HOH A . 
B 2 HOH 17 117 8  HOH HOH A . 
B 2 HOH 18 118 13 HOH HOH A . 
B 2 HOH 19 119 16 HOH HOH A . 
B 2 HOH 20 120 20 HOH HOH A . 
B 2 HOH 21 121 10 HOH HOH A . 
# 
loop_
_software.citation_id 
_software.classification 
_software.compiler_name 
_software.compiler_version 
_software.contact_author 
_software.contact_author_email 
_software.date 
_software.description 
_software.dependencies 
_software.hardware 
_software.language 
_software.location 
_software.mods 
_software.name 
_software.os 
_software.os_version 
_software.type 
_software.version 
_software.pdbx_ordinal 
? refinement        ? ? ? ? ? ? ? ? ? ? ? PHENIX       ? ? ? '(phenix.refine: 1.9_1692)' 1 
? 'data reduction'  ? ? ? ? ? ? ? ? ? ? ? CrystalClear ? ? ? .                           2 
? 'data extraction' ? ? ? ? ? ? ? ? ? ? ? PDB_EXTRACT  ? ? ? 3.14                        3 
? 'data scaling'    ? ? ? ? ? ? ? ? ? ? ? SCALEPACK    ? ? ? .                           4 
# 
_cell.entry_id           4TTL 
_cell.length_a           30.256 
_cell.length_b           20.706 
_cell.length_c           38.236 
_cell.angle_alpha        90.00 
_cell.angle_beta         90.00 
_cell.angle_gamma        90.00 
_cell.Z_PDB              8 
_cell.pdbx_unique_axis   ? 
# 
_symmetry.entry_id                         4TTL 
_symmetry.space_group_name_H-M             'P b c a' 
_symmetry.pdbx_full_space_group_name_H-M   ? 
_symmetry.cell_setting                     ? 
_symmetry.Int_Tables_number                61 
# 
_exptl.absorpt_coefficient_mu     ? 
_exptl.absorpt_correction_T_max   ? 
_exptl.absorpt_correction_T_min   ? 
_exptl.absorpt_correction_type    ? 
_exptl.absorpt_process_details    ? 
_exptl.entry_id                   4TTL 
_exptl.crystals_number            1 
_exptl.details                    ? 
_exptl.method                     'X-RAY DIFFRACTION' 
_exptl.method_details             ? 
# 
_exptl_crystal.colour                      ? 
_exptl_crystal.density_diffrn              ? 
_exptl_crystal.density_Matthews            ? 
_exptl_crystal.density_method              ? 
_exptl_crystal.density_percent_sol         ? 
_exptl_crystal.description                 ? 
_exptl_crystal.F_000                       ? 
_exptl_crystal.id                          1 
_exptl_crystal.preparation                 ? 
_exptl_crystal.size_max                    ? 
_exptl_crystal.size_mid                    ? 
_exptl_crystal.size_min                    ? 
_exptl_crystal.size_rad                    ? 
_exptl_crystal.colour_lustre               ? 
_exptl_crystal.colour_modifier             ? 
_exptl_crystal.colour_primary              ? 
_exptl_crystal.density_meas                ? 
_exptl_crystal.density_meas_esd            ? 
_exptl_crystal.density_meas_gt             ? 
_exptl_crystal.density_meas_lt             ? 
_exptl_crystal.density_meas_temp           ? 
_exptl_crystal.density_meas_temp_esd       ? 
_exptl_crystal.density_meas_temp_gt        ? 
_exptl_crystal.density_meas_temp_lt        ? 
_exptl_crystal.pdbx_crystal_image_url      ? 
_exptl_crystal.pdbx_crystal_image_format   ? 
_exptl_crystal.pdbx_mosaicity              ? 
_exptl_crystal.pdbx_mosaicity_esd          ? 
# 
_exptl_crystal_grow.apparatus       ? 
_exptl_crystal_grow.atmosphere      ? 
_exptl_crystal_grow.crystal_id      1 
_exptl_crystal_grow.details         ? 
_exptl_crystal_grow.method          'VAPOR DIFFUSION, HANGING DROP' 
_exptl_crystal_grow.method_ref      ? 
_exptl_crystal_grow.pH              7.5 
_exptl_crystal_grow.pressure        ? 
_exptl_crystal_grow.pressure_esd    ? 
_exptl_crystal_grow.seeding         ? 
_exptl_crystal_grow.seeding_ref     ? 
_exptl_crystal_grow.temp            293 
_exptl_crystal_grow.temp_details    ? 
_exptl_crystal_grow.temp_esd        ? 
_exptl_crystal_grow.time            ? 
_exptl_crystal_grow.pdbx_details    '1.0 M HEPES pH 7.5, 0.86 M ammonium sulfate' 
_exptl_crystal_grow.pdbx_pH_range   ? 
# 
_diffrn.ambient_environment    ? 
_diffrn.ambient_temp           100 
_diffrn.ambient_temp_details   ? 
_diffrn.ambient_temp_esd       ? 
_diffrn.crystal_id             1 
_diffrn.crystal_support        ? 
_diffrn.crystal_treatment      ? 
_diffrn.details                ? 
_diffrn.id                     1 
_diffrn.ambient_pressure       ? 
_diffrn.ambient_pressure_esd   ? 
_diffrn.ambient_pressure_gt    ? 
_diffrn.ambient_pressure_lt    ? 
_diffrn.ambient_temp_gt        ? 
_diffrn.ambient_temp_lt        ? 
# 
_diffrn_detector.details                      ? 
_diffrn_detector.detector                     CCD 
_diffrn_detector.diffrn_id                    1 
_diffrn_detector.type                         'RIGAKU SATURN 944' 
_diffrn_detector.area_resol_mean              ? 
_diffrn_detector.dtime                        ? 
_diffrn_detector.pdbx_frames_total            ? 
_diffrn_detector.pdbx_collection_time_total   ? 
_diffrn_detector.pdbx_collection_date         2013-12-06 
# 
_diffrn_radiation.collimation                      ? 
_diffrn_radiation.diffrn_id                        1 
_diffrn_radiation.filter_edge                      ? 
_diffrn_radiation.inhomogeneity                    ? 
_diffrn_radiation.monochromator                    ? 
_diffrn_radiation.polarisn_norm                    ? 
_diffrn_radiation.polarisn_ratio                   ? 
_diffrn_radiation.probe                            ? 
_diffrn_radiation.type                             ? 
_diffrn_radiation.xray_symbol                      ? 
_diffrn_radiation.wavelength_id                    1 
_diffrn_radiation.pdbx_monochromatic_or_laue_m_l   M 
_diffrn_radiation.pdbx_wavelength_list             ? 
_diffrn_radiation.pdbx_wavelength                  ? 
_diffrn_radiation.pdbx_diffrn_protocol             'SINGLE WAVELENGTH' 
_diffrn_radiation.pdbx_analyzer                    ? 
_diffrn_radiation.pdbx_scattering_type             x-ray 
# 
_diffrn_radiation_wavelength.id           1 
_diffrn_radiation_wavelength.wavelength   1.5418 
_diffrn_radiation_wavelength.wt           1.0 
# 
_diffrn_source.current                     ? 
_diffrn_source.details                     ? 
_diffrn_source.diffrn_id                   1 
_diffrn_source.power                       ? 
_diffrn_source.size                        ? 
_diffrn_source.source                      'ROTATING ANODE' 
_diffrn_source.target                      ? 
_diffrn_source.type                        OTHER 
_diffrn_source.voltage                     ? 
_diffrn_source.take-off_angle              ? 
_diffrn_source.pdbx_wavelength_list        1.5418 
_diffrn_source.pdbx_wavelength             ? 
_diffrn_source.pdbx_synchrotron_beamline   ? 
_diffrn_source.pdbx_synchrotron_site       ? 
# 
_reflns.B_iso_Wilson_estimate            49.140 
_reflns.entry_id                         4TTL 
_reflns.data_reduction_details           ? 
_reflns.data_reduction_method            ? 
_reflns.d_resolution_high                1.7 
_reflns.d_resolution_low                 19.12 
_reflns.details                          ? 
_reflns.limit_h_max                      ? 
_reflns.limit_h_min                      ? 
_reflns.limit_k_max                      ? 
_reflns.limit_k_min                      ? 
_reflns.limit_l_max                      ? 
_reflns.limit_l_min                      ? 
_reflns.number_all                       ? 
_reflns.number_obs                       2551 
_reflns.observed_criterion               ? 
_reflns.observed_criterion_F_max         ? 
_reflns.observed_criterion_F_min         ? 
_reflns.observed_criterion_I_max         ? 
_reflns.observed_criterion_I_min         ? 
_reflns.observed_criterion_sigma_F       ? 
_reflns.observed_criterion_sigma_I       ? 
_reflns.percent_possible_obs             100 
_reflns.R_free_details                   ? 
_reflns.Rmerge_F_all                     ? 
_reflns.Rmerge_F_obs                     ? 
_reflns.Friedel_coverage                 ? 
_reflns.number_gt                        ? 
_reflns.threshold_expression             ? 
_reflns.pdbx_redundancy                  6.73 
_reflns.pdbx_Rmerge_I_obs                ? 
_reflns.pdbx_Rmerge_I_all                ? 
_reflns.pdbx_Rsym_value                  ? 
_reflns.pdbx_netI_over_av_sigmaI         ? 
_reflns.pdbx_netI_over_sigmaI            11.6 
_reflns.pdbx_res_netI_over_av_sigmaI_2   ? 
_reflns.pdbx_res_netI_over_sigmaI_2      ? 
_reflns.pdbx_chi_squared                 ? 
_reflns.pdbx_scaling_rejects             ? 
_reflns.pdbx_d_res_high_opt              ? 
_reflns.pdbx_d_res_low_opt               ? 
_reflns.pdbx_d_res_opt_method            ? 
_reflns.phase_calculation_details        ? 
_reflns.pdbx_Rrim_I_all                  ? 
_reflns.pdbx_Rpim_I_all                  ? 
_reflns.pdbx_d_opt                       ? 
_reflns.pdbx_number_measured_all         ? 
_reflns.pdbx_diffrn_id                   1 
_reflns.pdbx_ordinal                     1 
_reflns.pdbx_CC_half                     ? 
_reflns.pdbx_R_split                     ? 
# 
_reflns_shell.d_res_high                  1.7 
_reflns_shell.d_res_low                   1.76 
_reflns_shell.meanI_over_sigI_all         ? 
_reflns_shell.meanI_over_sigI_obs         2.3 
_reflns_shell.number_measured_all         ? 
_reflns_shell.number_measured_obs         ? 
_reflns_shell.number_possible             ? 
_reflns_shell.number_unique_all           ? 
_reflns_shell.number_unique_obs           ? 
_reflns_shell.percent_possible_all        100 
_reflns_shell.percent_possible_obs        100 
_reflns_shell.Rmerge_F_all                ? 
_reflns_shell.Rmerge_F_obs                ? 
_reflns_shell.Rmerge_I_all                ? 
_reflns_shell.Rmerge_I_obs                0.391 
_reflns_shell.meanI_over_sigI_gt          ? 
_reflns_shell.meanI_over_uI_all           ? 
_reflns_shell.meanI_over_uI_gt            ? 
_reflns_shell.number_measured_gt          ? 
_reflns_shell.number_unique_gt            ? 
_reflns_shell.percent_possible_gt         ? 
_reflns_shell.Rmerge_F_gt                 ? 
_reflns_shell.Rmerge_I_gt                 ? 
_reflns_shell.pdbx_redundancy             6.5 
_reflns_shell.pdbx_Rsym_value             0.391 
_reflns_shell.pdbx_chi_squared            ? 
_reflns_shell.pdbx_netI_over_sigmaI_all   ? 
_reflns_shell.pdbx_netI_over_sigmaI_obs   ? 
_reflns_shell.pdbx_Rrim_I_all             ? 
_reflns_shell.pdbx_Rpim_I_all             ? 
_reflns_shell.pdbx_rejects                ? 
_reflns_shell.pdbx_ordinal                1 
_reflns_shell.pdbx_diffrn_id              1 
_reflns_shell.pdbx_CC_half                ? 
_reflns_shell.pdbx_R_split                ? 
# 
_refine.pdbx_refine_id                           'X-RAY DIFFRACTION' 
_refine.entry_id                                 4TTL 
_refine.pdbx_diffrn_id                           1 
_refine.pdbx_TLS_residual_ADP_flag               ? 
_refine.ls_number_reflns_obs                     2546 
_refine.ls_number_reflns_all                     ? 
_refine.pdbx_ls_sigma_I                          ? 
_refine.pdbx_ls_sigma_F                          1.41 
_refine.pdbx_data_cutoff_high_absF               ? 
_refine.pdbx_data_cutoff_low_absF                ? 
_refine.pdbx_data_cutoff_high_rms_absF           ? 
_refine.ls_d_res_low                             19.118 
_refine.ls_d_res_high                            1.7004 
_refine.ls_percent_reflns_obs                    99.73 
_refine.ls_R_factor_obs                          0.1931 
_refine.ls_R_factor_all                          ? 
_refine.ls_R_factor_R_work                       0.1887 
_refine.ls_R_factor_R_free                       0.2259 
_refine.ls_R_factor_R_free_error                 ? 
_refine.ls_R_factor_R_free_error_details         ? 
_refine.ls_percent_reflns_R_free                 10.02 
_refine.ls_number_reflns_R_free                  255 
_refine.ls_number_parameters                     ? 
_refine.ls_number_restraints                     ? 
_refine.occupancy_min                            ? 
_refine.occupancy_max                            ? 
_refine.correlation_coeff_Fo_to_Fc               ? 
_refine.correlation_coeff_Fo_to_Fc_free          ? 
_refine.B_iso_mean                               ? 
_refine.aniso_B[1][1]                            ? 
_refine.aniso_B[2][2]                            ? 
_refine.aniso_B[3][3]                            ? 
_refine.aniso_B[1][2]                            ? 
_refine.aniso_B[1][3]                            ? 
_refine.aniso_B[2][3]                            ? 
_refine.solvent_model_details                    'FLAT BULK SOLVENT MODEL' 
_refine.solvent_model_param_ksol                 ? 
_refine.solvent_model_param_bsol                 ? 
_refine.pdbx_solvent_vdw_probe_radii             1.11 
_refine.pdbx_solvent_ion_probe_radii             ? 
_refine.pdbx_solvent_shrinkage_radii             0.90 
_refine.pdbx_ls_cross_valid_method               'FREE R-VALUE' 
_refine.details                                  ? 
_refine.pdbx_starting_model                      ? 
_refine.pdbx_method_to_determine_struct          ? 
_refine.pdbx_isotropic_thermal_model             ? 
_refine.pdbx_stereochemistry_target_values       ML 
_refine.pdbx_stereochem_target_val_spec_case     ? 
_refine.pdbx_R_Free_selection_details            ? 
_refine.pdbx_overall_ESU_R                       ? 
_refine.pdbx_overall_ESU_R_Free                  ? 
_refine.overall_SU_ML                            0.00 
_refine.pdbx_overall_phase_error                 22.79 
_refine.overall_SU_B                             ? 
_refine.overall_SU_R_Cruickshank_DPI             ? 
_refine.pdbx_overall_SU_R_free_Cruickshank_DPI   ? 
_refine.pdbx_overall_SU_R_Blow_DPI               ? 
_refine.pdbx_overall_SU_R_free_Blow_DPI          ? 
# 
_refine_hist.cycle_id                         final 
_refine_hist.pdbx_refine_id                   'X-RAY DIFFRACTION' 
_refine_hist.d_res_high                       1.7004 
_refine_hist.d_res_low                        19.118 
_refine_hist.pdbx_number_atoms_ligand         0 
_refine_hist.number_atoms_solvent             21 
_refine_hist.number_atoms_total               169 
_refine_hist.pdbx_number_residues_total       22 
_refine_hist.pdbx_B_iso_mean_solvent          31.24 
_refine_hist.pdbx_number_atoms_protein        148 
_refine_hist.pdbx_number_atoms_nucleic_acid   0 
# 
loop_
_refine_ls_restr.type 
_refine_ls_restr.dev_ideal 
_refine_ls_restr.dev_ideal_target 
_refine_ls_restr.weight 
_refine_ls_restr.number 
_refine_ls_restr.pdbx_refine_id 
_refine_ls_restr.pdbx_restraint_function 
f_bond_d           0.007  ? ? 171 'X-RAY DIFFRACTION' ? 
f_angle_d          1.101  ? ? 231 'X-RAY DIFFRACTION' ? 
f_dihedral_angle_d 11.390 ? ? 64  'X-RAY DIFFRACTION' ? 
f_chiral_restr     0.051  ? ? 21  'X-RAY DIFFRACTION' ? 
f_plane_restr      0.005  ? ? 35  'X-RAY DIFFRACTION' ? 
# 
loop_
_refine_ls_shell.pdbx_refine_id 
_refine_ls_shell.pdbx_total_number_of_bins_used 
_refine_ls_shell.d_res_high 
_refine_ls_shell.d_res_low 
_refine_ls_shell.number_reflns_R_work 
_refine_ls_shell.R_factor_R_work 
_refine_ls_shell.percent_reflns_obs 
_refine_ls_shell.R_factor_R_free 
_refine_ls_shell.R_factor_R_free_error 
_refine_ls_shell.percent_reflns_R_free 
_refine_ls_shell.number_reflns_R_free 
_refine_ls_shell.number_reflns_all 
_refine_ls_shell.R_factor_all 
_refine_ls_shell.R_factor_obs 
_refine_ls_shell.number_reflns_obs 
'X-RAY DIFFRACTION' . 1.7004 2.1419  1146 0.2279 100.00 0.2845 . . 127 . . . . 
'X-RAY DIFFRACTION' . 2.1419 19.1193 1145 0.1759 100.00 0.2073 . . 128 . . . . 
# 
_struct.entry_id                     4TTL 
_struct.title                        'Racemic structure of cyclic Vc1.1 (cVc1.1-1)' 
_struct.pdbx_model_details           ? 
_struct.pdbx_formula_weight          ? 
_struct.pdbx_formula_weight_method   ? 
_struct.pdbx_model_type_details      ? 
_struct.pdbx_CASP_flag               ? 
# 
_struct_keywords.entry_id        4TTL 
_struct_keywords.text            'cyclic peptide, disulfide bond, TOXIN' 
_struct_keywords.pdbx_keywords   TOXIN 
# 
loop_
_struct_asym.id 
_struct_asym.pdbx_blank_PDB_chainid_flag 
_struct_asym.pdbx_modified 
_struct_asym.entity_id 
_struct_asym.details 
A N N 1 ? 
B N N 2 ? 
# 
_struct_ref.db_code                    CA1A_CONVC 
_struct_ref.db_name                    UNP 
_struct_ref.details                    ? 
_struct_ref.entity_id                  1 
_struct_ref.id                         1 
_struct_ref.seq_align                  ? 
_struct_ref.seq_dif                    ? 
_struct_ref.pdbx_db_accession          P69747 
_struct_ref.pdbx_seq_one_letter_code   GCCSDPRCNYDHPEICG 
_struct_ref.pdbx_align_begin           50 
_struct_ref.pdbx_align_end             ? 
_struct_ref.pdbx_db_isoform            ? 
# 
_struct_ref_seq.align_id                      1 
_struct_ref_seq.ref_id                        1 
_struct_ref_seq.pdbx_PDB_id_code              4TTL 
_struct_ref_seq.pdbx_strand_id                A 
_struct_ref_seq.seq_align_beg                 1 
_struct_ref_seq.pdbx_seq_align_beg_ins_code   ? 
_struct_ref_seq.seq_align_end                 17 
_struct_ref_seq.pdbx_seq_align_end_ins_code   ? 
_struct_ref_seq.pdbx_db_accession             P69747 
_struct_ref_seq.db_align_beg                  50 
_struct_ref_seq.pdbx_db_align_beg_ins_code    ? 
_struct_ref_seq.db_align_end                  66 
_struct_ref_seq.pdbx_db_align_end_ins_code    ? 
_struct_ref_seq.pdbx_auth_seq_align_beg       1 
_struct_ref_seq.pdbx_auth_seq_align_end       17 
# 
loop_
_struct_ref_seq_dif.align_id 
_struct_ref_seq_dif.pdbx_pdb_id_code 
_struct_ref_seq_dif.mon_id 
_struct_ref_seq_dif.pdbx_pdb_strand_id 
_struct_ref_seq_dif.seq_num 
_struct_ref_seq_dif.pdbx_pdb_ins_code 
_struct_ref_seq_dif.pdbx_seq_db_name 
_struct_ref_seq_dif.pdbx_seq_db_accession_code 
_struct_ref_seq_dif.db_mon_id 
_struct_ref_seq_dif.pdbx_seq_db_seq_num 
_struct_ref_seq_dif.details 
_struct_ref_seq_dif.pdbx_auth_seq_num 
_struct_ref_seq_dif.pdbx_ordinal 
1 4TTL GLY A 18 ? UNP P69747 ? ? insertion 18 1 
1 4TTL ALA A 19 ? UNP P69747 ? ? insertion 19 2 
1 4TTL ALA A 20 ? UNP P69747 ? ? insertion 20 3 
1 4TTL GLY A 21 ? UNP P69747 ? ? insertion 21 4 
1 4TTL GLY A 22 ? UNP P69747 ? ? insertion 22 5 
# 
_pdbx_struct_assembly.id                   1 
_pdbx_struct_assembly.details              author_and_software_defined_assembly 
_pdbx_struct_assembly.method_details       PISA 
_pdbx_struct_assembly.oligomeric_details   monomeric 
_pdbx_struct_assembly.oligomeric_count     1 
# 
loop_
_pdbx_struct_assembly_prop.biol_id 
_pdbx_struct_assembly_prop.type 
_pdbx_struct_assembly_prop.value 
_pdbx_struct_assembly_prop.details 
1 'ABSA (A^2)' 0    ? 
1 MORE         0    ? 
1 'SSA (A^2)'  1740 ? 
# 
_pdbx_struct_assembly_gen.assembly_id       1 
_pdbx_struct_assembly_gen.oper_expression   1 
_pdbx_struct_assembly_gen.asym_id_list      A,B 
# 
_pdbx_struct_oper_list.id                   1 
_pdbx_struct_oper_list.type                 'identity operation' 
_pdbx_struct_oper_list.name                 1_555 
_pdbx_struct_oper_list.symmetry_operation   x,y,z 
_pdbx_struct_oper_list.matrix[1][1]         1.0000000000 
_pdbx_struct_oper_list.matrix[1][2]         0.0000000000 
_pdbx_struct_oper_list.matrix[1][3]         0.0000000000 
_pdbx_struct_oper_list.vector[1]            0.0000000000 
_pdbx_struct_oper_list.matrix[2][1]         0.0000000000 
_pdbx_struct_oper_list.matrix[2][2]         1.0000000000 
_pdbx_struct_oper_list.matrix[2][3]         0.0000000000 
_pdbx_struct_oper_list.vector[2]            0.0000000000 
_pdbx_struct_oper_list.matrix[3][1]         0.0000000000 
_pdbx_struct_oper_list.matrix[3][2]         0.0000000000 
_pdbx_struct_oper_list.matrix[3][3]         1.0000000000 
_pdbx_struct_oper_list.vector[3]            0.0000000000 
# 
_struct_biol.details                      
'Crystal obtained from racemic mixture of D- and L- enantiomers of SFTI-1. The D-form is represented in the asymmetric unit.' 
_struct_biol.id                           1 
_struct_biol.pdbx_parent_biol_id          ? 
_struct_biol.pdbx_formula_weight          ? 
_struct_biol.pdbx_formula_weight_method   ? 
_struct_biol.pdbx_aggregation_state       ? 
_struct_biol.pdbx_assembly_method         ? 
# 
_struct_conf.conf_type_id            HELX_P 
_struct_conf.id                      HELX_P1 
_struct_conf.pdbx_PDB_helix_id       AA1 
_struct_conf.beg_label_comp_id       ARG 
_struct_conf.beg_label_asym_id       A 
_struct_conf.beg_label_seq_id        7 
_struct_conf.pdbx_beg_PDB_ins_code   ? 
_struct_conf.end_label_comp_id       ASP 
_struct_conf.end_label_asym_id       A 
_struct_conf.end_label_seq_id        11 
_struct_conf.pdbx_end_PDB_ins_code   ? 
_struct_conf.beg_auth_comp_id        ARG 
_struct_conf.beg_auth_asym_id        A 
_struct_conf.beg_auth_seq_id         7 
_struct_conf.end_auth_comp_id        ASP 
_struct_conf.end_auth_asym_id        A 
_struct_conf.end_auth_seq_id         11 
_struct_conf.pdbx_PDB_helix_class    5 
_struct_conf.details                 ? 
_struct_conf.pdbx_PDB_helix_length   5 
# 
_struct_conf_type.id          HELX_P 
_struct_conf_type.criteria    ? 
_struct_conf_type.reference   ? 
# 
loop_
_struct_conn.id 
_struct_conn.conn_type_id 
_struct_conn.pdbx_leaving_atom_flag 
_struct_conn.pdbx_PDB_id 
_struct_conn.ptnr1_label_asym_id 
_struct_conn.ptnr1_label_comp_id 
_struct_conn.ptnr1_label_seq_id 
_struct_conn.ptnr1_label_atom_id 
_struct_conn.pdbx_ptnr1_label_alt_id 
_struct_conn.pdbx_ptnr1_PDB_ins_code 
_struct_conn.pdbx_ptnr1_standard_comp_id 
_struct_conn.ptnr1_symmetry 
_struct_conn.ptnr2_label_asym_id 
_struct_conn.ptnr2_label_comp_id 
_struct_conn.ptnr2_label_seq_id 
_struct_conn.ptnr2_label_atom_id 
_struct_conn.pdbx_ptnr2_label_alt_id 
_struct_conn.pdbx_ptnr2_PDB_ins_code 
_struct_conn.ptnr1_auth_asym_id 
_struct_conn.ptnr1_auth_comp_id 
_struct_conn.ptnr1_auth_seq_id 
_struct_conn.ptnr2_auth_asym_id 
_struct_conn.ptnr2_auth_comp_id 
_struct_conn.ptnr2_auth_seq_id 
_struct_conn.ptnr2_symmetry 
_struct_conn.pdbx_ptnr3_label_atom_id 
_struct_conn.pdbx_ptnr3_label_seq_id 
_struct_conn.pdbx_ptnr3_label_comp_id 
_struct_conn.pdbx_ptnr3_label_asym_id 
_struct_conn.pdbx_ptnr3_label_alt_id 
_struct_conn.pdbx_ptnr3_PDB_ins_code 
_struct_conn.details 
_struct_conn.pdbx_dist_value 
_struct_conn.pdbx_value_order 
_struct_conn.pdbx_role 
disulf1 disulf ?    ? A CYS 2 SG ? ? ? 1_555 A CYS 8  SG ? ? A CYS 2 A CYS 8  1_555 ? ? ? ? ? ? ? 2.051 ?    ? 
disulf2 disulf ?    ? A CYS 3 SG ? ? ? 1_555 A CYS 16 SG ? ? A CYS 3 A CYS 16 1_555 ? ? ? ? ? ? ? 2.028 ?    ? 
covale1 covale both ? A GLY 1 N  ? ? ? 1_555 A GLY 22 C  ? ? A GLY 1 A GLY 22 1_555 ? ? ? ? ? ? ? 1.342 sing ? 
# 
loop_
_struct_conn_type.id 
_struct_conn_type.criteria 
_struct_conn_type.reference 
disulf ? ? 
covale ? ? 
# 
loop_
_pdbx_modification_feature.ordinal 
_pdbx_modification_feature.label_comp_id 
_pdbx_modification_feature.label_asym_id 
_pdbx_modification_feature.label_seq_id 
_pdbx_modification_feature.label_alt_id 
_pdbx_modification_feature.modified_residue_label_comp_id 
_pdbx_modification_feature.modified_residue_label_asym_id 
_pdbx_modification_feature.modified_residue_label_seq_id 
_pdbx_modification_feature.modified_residue_label_alt_id 
_pdbx_modification_feature.auth_comp_id 
_pdbx_modification_feature.auth_asym_id 
_pdbx_modification_feature.auth_seq_id 
_pdbx_modification_feature.PDB_ins_code 
_pdbx_modification_feature.symmetry 
_pdbx_modification_feature.modified_residue_auth_comp_id 
_pdbx_modification_feature.modified_residue_auth_asym_id 
_pdbx_modification_feature.modified_residue_auth_seq_id 
_pdbx_modification_feature.modified_residue_PDB_ins_code 
_pdbx_modification_feature.modified_residue_symmetry 
_pdbx_modification_feature.comp_id_linking_atom 
_pdbx_modification_feature.modified_residue_id_linking_atom 
_pdbx_modification_feature.modified_residue_id 
_pdbx_modification_feature.ref_pcm_id 
_pdbx_modification_feature.ref_comp_id 
_pdbx_modification_feature.type 
_pdbx_modification_feature.category 
1 CYS A 2 ? CYS A 8  ? CYS A 2 ? 1_555 CYS A 8  ? 1_555 SG SG . . . None 'Disulfide bridge'     
2 CYS A 3 ? CYS A 16 ? CYS A 3 ? 1_555 CYS A 16 ? 1_555 SG SG . . . None 'Disulfide bridge'     
3 GLY A 1 ? GLY A 22 ? GLY A 1 ? 1_555 GLY A 22 ? 1_555 N  C  . . . None 'Non-standard linkage' 
# 
_pdbx_entry_details.entry_id                   4TTL 
_pdbx_entry_details.compound_details           ? 
_pdbx_entry_details.source_details             ? 
_pdbx_entry_details.nonpolymer_details         ? 
_pdbx_entry_details.sequence_details           ? 
_pdbx_entry_details.has_ligand_of_interest     ? 
_pdbx_entry_details.has_protein_modification   Y 
# 
loop_
_chem_comp_atom.comp_id 
_chem_comp_atom.atom_id 
_chem_comp_atom.type_symbol 
_chem_comp_atom.pdbx_aromatic_flag 
_chem_comp_atom.pdbx_stereo_config 
_chem_comp_atom.pdbx_ordinal 
ALA N    N N N 1   
ALA CA   C N S 2   
ALA C    C N N 3   
ALA O    O N N 4   
ALA CB   C N N 5   
ALA OXT  O N N 6   
ALA H    H N N 7   
ALA H2   H N N 8   
ALA HA   H N N 9   
ALA HB1  H N N 10  
ALA HB2  H N N 11  
ALA HB3  H N N 12  
ALA HXT  H N N 13  
ARG N    N N N 14  
ARG CA   C N S 15  
ARG C    C N N 16  
ARG O    O N N 17  
ARG CB   C N N 18  
ARG CG   C N N 19  
ARG CD   C N N 20  
ARG NE   N N N 21  
ARG CZ   C N N 22  
ARG NH1  N N N 23  
ARG NH2  N N N 24  
ARG OXT  O N N 25  
ARG H    H N N 26  
ARG H2   H N N 27  
ARG HA   H N N 28  
ARG HB2  H N N 29  
ARG HB3  H N N 30  
ARG HG2  H N N 31  
ARG HG3  H N N 32  
ARG HD2  H N N 33  
ARG HD3  H N N 34  
ARG HE   H N N 35  
ARG HH11 H N N 36  
ARG HH12 H N N 37  
ARG HH21 H N N 38  
ARG HH22 H N N 39  
ARG HXT  H N N 40  
ASN N    N N N 41  
ASN CA   C N S 42  
ASN C    C N N 43  
ASN O    O N N 44  
ASN CB   C N N 45  
ASN CG   C N N 46  
ASN OD1  O N N 47  
ASN ND2  N N N 48  
ASN OXT  O N N 49  
ASN H    H N N 50  
ASN H2   H N N 51  
ASN HA   H N N 52  
ASN HB2  H N N 53  
ASN HB3  H N N 54  
ASN HD21 H N N 55  
ASN HD22 H N N 56  
ASN HXT  H N N 57  
ASP N    N N N 58  
ASP CA   C N S 59  
ASP C    C N N 60  
ASP O    O N N 61  
ASP CB   C N N 62  
ASP CG   C N N 63  
ASP OD1  O N N 64  
ASP OD2  O N N 65  
ASP OXT  O N N 66  
ASP H    H N N 67  
ASP H2   H N N 68  
ASP HA   H N N 69  
ASP HB2  H N N 70  
ASP HB3  H N N 71  
ASP HD2  H N N 72  
ASP HXT  H N N 73  
CYS N    N N N 74  
CYS CA   C N R 75  
CYS C    C N N 76  
CYS O    O N N 77  
CYS CB   C N N 78  
CYS SG   S N N 79  
CYS OXT  O N N 80  
CYS H    H N N 81  
CYS H2   H N N 82  
CYS HA   H N N 83  
CYS HB2  H N N 84  
CYS HB3  H N N 85  
CYS HG   H N N 86  
CYS HXT  H N N 87  
GLU N    N N N 88  
GLU CA   C N S 89  
GLU C    C N N 90  
GLU O    O N N 91  
GLU CB   C N N 92  
GLU CG   C N N 93  
GLU CD   C N N 94  
GLU OE1  O N N 95  
GLU OE2  O N N 96  
GLU OXT  O N N 97  
GLU H    H N N 98  
GLU H2   H N N 99  
GLU HA   H N N 100 
GLU HB2  H N N 101 
GLU HB3  H N N 102 
GLU HG2  H N N 103 
GLU HG3  H N N 104 
GLU HE2  H N N 105 
GLU HXT  H N N 106 
GLY N    N N N 107 
GLY CA   C N N 108 
GLY C    C N N 109 
GLY O    O N N 110 
GLY OXT  O N N 111 
GLY H    H N N 112 
GLY H2   H N N 113 
GLY HA2  H N N 114 
GLY HA3  H N N 115 
GLY HXT  H N N 116 
HIS N    N N N 117 
HIS CA   C N S 118 
HIS C    C N N 119 
HIS O    O N N 120 
HIS CB   C N N 121 
HIS CG   C Y N 122 
HIS ND1  N Y N 123 
HIS CD2  C Y N 124 
HIS CE1  C Y N 125 
HIS NE2  N Y N 126 
HIS OXT  O N N 127 
HIS H    H N N 128 
HIS H2   H N N 129 
HIS HA   H N N 130 
HIS HB2  H N N 131 
HIS HB3  H N N 132 
HIS HD1  H N N 133 
HIS HD2  H N N 134 
HIS HE1  H N N 135 
HIS HE2  H N N 136 
HIS HXT  H N N 137 
HOH O    O N N 138 
HOH H1   H N N 139 
HOH H2   H N N 140 
ILE N    N N N 141 
ILE CA   C N S 142 
ILE C    C N N 143 
ILE O    O N N 144 
ILE CB   C N S 145 
ILE CG1  C N N 146 
ILE CG2  C N N 147 
ILE CD1  C N N 148 
ILE OXT  O N N 149 
ILE H    H N N 150 
ILE H2   H N N 151 
ILE HA   H N N 152 
ILE HB   H N N 153 
ILE HG12 H N N 154 
ILE HG13 H N N 155 
ILE HG21 H N N 156 
ILE HG22 H N N 157 
ILE HG23 H N N 158 
ILE HD11 H N N 159 
ILE HD12 H N N 160 
ILE HD13 H N N 161 
ILE HXT  H N N 162 
PRO N    N N N 163 
PRO CA   C N S 164 
PRO C    C N N 165 
PRO O    O N N 166 
PRO CB   C N N 167 
PRO CG   C N N 168 
PRO CD   C N N 169 
PRO OXT  O N N 170 
PRO H    H N N 171 
PRO HA   H N N 172 
PRO HB2  H N N 173 
PRO HB3  H N N 174 
PRO HG2  H N N 175 
PRO HG3  H N N 176 
PRO HD2  H N N 177 
PRO HD3  H N N 178 
PRO HXT  H N N 179 
SER N    N N N 180 
SER CA   C N S 181 
SER C    C N N 182 
SER O    O N N 183 
SER CB   C N N 184 
SER OG   O N N 185 
SER OXT  O N N 186 
SER H    H N N 187 
SER H2   H N N 188 
SER HA   H N N 189 
SER HB2  H N N 190 
SER HB3  H N N 191 
SER HG   H N N 192 
SER HXT  H N N 193 
TYR N    N N N 194 
TYR CA   C N S 195 
TYR C    C N N 196 
TYR O    O N N 197 
TYR CB   C N N 198 
TYR CG   C Y N 199 
TYR CD1  C Y N 200 
TYR CD2  C Y N 201 
TYR CE1  C Y N 202 
TYR CE2  C Y N 203 
TYR CZ   C Y N 204 
TYR OH   O N N 205 
TYR OXT  O N N 206 
TYR H    H N N 207 
TYR H2   H N N 208 
TYR HA   H N N 209 
TYR HB2  H N N 210 
TYR HB3  H N N 211 
TYR HD1  H N N 212 
TYR HD2  H N N 213 
TYR HE1  H N N 214 
TYR HE2  H N N 215 
TYR HH   H N N 216 
TYR HXT  H N N 217 
# 
loop_
_chem_comp_bond.comp_id 
_chem_comp_bond.atom_id_1 
_chem_comp_bond.atom_id_2 
_chem_comp_bond.value_order 
_chem_comp_bond.pdbx_aromatic_flag 
_chem_comp_bond.pdbx_stereo_config 
_chem_comp_bond.pdbx_ordinal 
ALA N   CA   sing N N 1   
ALA N   H    sing N N 2   
ALA N   H2   sing N N 3   
ALA CA  C    sing N N 4   
ALA CA  CB   sing N N 5   
ALA CA  HA   sing N N 6   
ALA C   O    doub N N 7   
ALA C   OXT  sing N N 8   
ALA CB  HB1  sing N N 9   
ALA CB  HB2  sing N N 10  
ALA CB  HB3  sing N N 11  
ALA OXT HXT  sing N N 12  
ARG N   CA   sing N N 13  
ARG N   H    sing N N 14  
ARG N   H2   sing N N 15  
ARG CA  C    sing N N 16  
ARG CA  CB   sing N N 17  
ARG CA  HA   sing N N 18  
ARG C   O    doub N N 19  
ARG C   OXT  sing N N 20  
ARG CB  CG   sing N N 21  
ARG CB  HB2  sing N N 22  
ARG CB  HB3  sing N N 23  
ARG CG  CD   sing N N 24  
ARG CG  HG2  sing N N 25  
ARG CG  HG3  sing N N 26  
ARG CD  NE   sing N N 27  
ARG CD  HD2  sing N N 28  
ARG CD  HD3  sing N N 29  
ARG NE  CZ   sing N N 30  
ARG NE  HE   sing N N 31  
ARG CZ  NH1  sing N N 32  
ARG CZ  NH2  doub N N 33  
ARG NH1 HH11 sing N N 34  
ARG NH1 HH12 sing N N 35  
ARG NH2 HH21 sing N N 36  
ARG NH2 HH22 sing N N 37  
ARG OXT HXT  sing N N 38  
ASN N   CA   sing N N 39  
ASN N   H    sing N N 40  
ASN N   H2   sing N N 41  
ASN CA  C    sing N N 42  
ASN CA  CB   sing N N 43  
ASN CA  HA   sing N N 44  
ASN C   O    doub N N 45  
ASN C   OXT  sing N N 46  
ASN CB  CG   sing N N 47  
ASN CB  HB2  sing N N 48  
ASN CB  HB3  sing N N 49  
ASN CG  OD1  doub N N 50  
ASN CG  ND2  sing N N 51  
ASN ND2 HD21 sing N N 52  
ASN ND2 HD22 sing N N 53  
ASN OXT HXT  sing N N 54  
ASP N   CA   sing N N 55  
ASP N   H    sing N N 56  
ASP N   H2   sing N N 57  
ASP CA  C    sing N N 58  
ASP CA  CB   sing N N 59  
ASP CA  HA   sing N N 60  
ASP C   O    doub N N 61  
ASP C   OXT  sing N N 62  
ASP CB  CG   sing N N 63  
ASP CB  HB2  sing N N 64  
ASP CB  HB3  sing N N 65  
ASP CG  OD1  doub N N 66  
ASP CG  OD2  sing N N 67  
ASP OD2 HD2  sing N N 68  
ASP OXT HXT  sing N N 69  
CYS N   CA   sing N N 70  
CYS N   H    sing N N 71  
CYS N   H2   sing N N 72  
CYS CA  C    sing N N 73  
CYS CA  CB   sing N N 74  
CYS CA  HA   sing N N 75  
CYS C   O    doub N N 76  
CYS C   OXT  sing N N 77  
CYS CB  SG   sing N N 78  
CYS CB  HB2  sing N N 79  
CYS CB  HB3  sing N N 80  
CYS SG  HG   sing N N 81  
CYS OXT HXT  sing N N 82  
GLU N   CA   sing N N 83  
GLU N   H    sing N N 84  
GLU N   H2   sing N N 85  
GLU CA  C    sing N N 86  
GLU CA  CB   sing N N 87  
GLU CA  HA   sing N N 88  
GLU C   O    doub N N 89  
GLU C   OXT  sing N N 90  
GLU CB  CG   sing N N 91  
GLU CB  HB2  sing N N 92  
GLU CB  HB3  sing N N 93  
GLU CG  CD   sing N N 94  
GLU CG  HG2  sing N N 95  
GLU CG  HG3  sing N N 96  
GLU CD  OE1  doub N N 97  
GLU CD  OE2  sing N N 98  
GLU OE2 HE2  sing N N 99  
GLU OXT HXT  sing N N 100 
GLY N   CA   sing N N 101 
GLY N   H    sing N N 102 
GLY N   H2   sing N N 103 
GLY CA  C    sing N N 104 
GLY CA  HA2  sing N N 105 
GLY CA  HA3  sing N N 106 
GLY C   O    doub N N 107 
GLY C   OXT  sing N N 108 
GLY OXT HXT  sing N N 109 
HIS N   CA   sing N N 110 
HIS N   H    sing N N 111 
HIS N   H2   sing N N 112 
HIS CA  C    sing N N 113 
HIS CA  CB   sing N N 114 
HIS CA  HA   sing N N 115 
HIS C   O    doub N N 116 
HIS C   OXT  sing N N 117 
HIS CB  CG   sing N N 118 
HIS CB  HB2  sing N N 119 
HIS CB  HB3  sing N N 120 
HIS CG  ND1  sing Y N 121 
HIS CG  CD2  doub Y N 122 
HIS ND1 CE1  doub Y N 123 
HIS ND1 HD1  sing N N 124 
HIS CD2 NE2  sing Y N 125 
HIS CD2 HD2  sing N N 126 
HIS CE1 NE2  sing Y N 127 
HIS CE1 HE1  sing N N 128 
HIS NE2 HE2  sing N N 129 
HIS OXT HXT  sing N N 130 
HOH O   H1   sing N N 131 
HOH O   H2   sing N N 132 
ILE N   CA   sing N N 133 
ILE N   H    sing N N 134 
ILE N   H2   sing N N 135 
ILE CA  C    sing N N 136 
ILE CA  CB   sing N N 137 
ILE CA  HA   sing N N 138 
ILE C   O    doub N N 139 
ILE C   OXT  sing N N 140 
ILE CB  CG1  sing N N 141 
ILE CB  CG2  sing N N 142 
ILE CB  HB   sing N N 143 
ILE CG1 CD1  sing N N 144 
ILE CG1 HG12 sing N N 145 
ILE CG1 HG13 sing N N 146 
ILE CG2 HG21 sing N N 147 
ILE CG2 HG22 sing N N 148 
ILE CG2 HG23 sing N N 149 
ILE CD1 HD11 sing N N 150 
ILE CD1 HD12 sing N N 151 
ILE CD1 HD13 sing N N 152 
ILE OXT HXT  sing N N 153 
PRO N   CA   sing N N 154 
PRO N   CD   sing N N 155 
PRO N   H    sing N N 156 
PRO CA  C    sing N N 157 
PRO CA  CB   sing N N 158 
PRO CA  HA   sing N N 159 
PRO C   O    doub N N 160 
PRO C   OXT  sing N N 161 
PRO CB  CG   sing N N 162 
PRO CB  HB2  sing N N 163 
PRO CB  HB3  sing N N 164 
PRO CG  CD   sing N N 165 
PRO CG  HG2  sing N N 166 
PRO CG  HG3  sing N N 167 
PRO CD  HD2  sing N N 168 
PRO CD  HD3  sing N N 169 
PRO OXT HXT  sing N N 170 
SER N   CA   sing N N 171 
SER N   H    sing N N 172 
SER N   H2   sing N N 173 
SER CA  C    sing N N 174 
SER CA  CB   sing N N 175 
SER CA  HA   sing N N 176 
SER C   O    doub N N 177 
SER C   OXT  sing N N 178 
SER CB  OG   sing N N 179 
SER CB  HB2  sing N N 180 
SER CB  HB3  sing N N 181 
SER OG  HG   sing N N 182 
SER OXT HXT  sing N N 183 
TYR N   CA   sing N N 184 
TYR N   H    sing N N 185 
TYR N   H2   sing N N 186 
TYR CA  C    sing N N 187 
TYR CA  CB   sing N N 188 
TYR CA  HA   sing N N 189 
TYR C   O    doub N N 190 
TYR C   OXT  sing N N 191 
TYR CB  CG   sing N N 192 
TYR CB  HB2  sing N N 193 
TYR CB  HB3  sing N N 194 
TYR CG  CD1  doub Y N 195 
TYR CG  CD2  sing Y N 196 
TYR CD1 CE1  sing Y N 197 
TYR CD1 HD1  sing N N 198 
TYR CD2 CE2  doub Y N 199 
TYR CD2 HD2  sing N N 200 
TYR CE1 CZ   doub Y N 201 
TYR CE1 HE1  sing N N 202 
TYR CE2 CZ   sing Y N 203 
TYR CE2 HE2  sing N N 204 
TYR CZ  OH   sing N N 205 
TYR OH  HH   sing N N 206 
TYR OXT HXT  sing N N 207 
# 
loop_
_pdbx_audit_support.funding_organization 
_pdbx_audit_support.country 
_pdbx_audit_support.grant_number 
_pdbx_audit_support.ordinal 
'Australian Research Council (ARC)'                               Australia LP110200213 1 
'National Health and Medical Research Council (NHMRC, Australia)' Australia 546578      2 
'National Health and Medical Research Council (NHMRC, Australia)' Australia APP1026501  3 
# 
_atom_sites.entry_id                    4TTL 
_atom_sites.fract_transf_matrix[1][1]   -0.03049847 
_atom_sites.fract_transf_matrix[1][2]   -0.01259650 
_atom_sites.fract_transf_matrix[1][3]   -0.00188154 
_atom_sites.fract_transf_matrix[2][1]   -0.01690883 
_atom_sites.fract_transf_matrix[2][2]   0.04302645 
_atom_sites.fract_transf_matrix[2][3]   -0.01397222 
_atom_sites.fract_transf_matrix[3][1]   0.00421013 
_atom_sites.fract_transf_matrix[3][2]   -0.00646071 
_atom_sites.fract_transf_matrix[3][3]   -0.02499027 
_atom_sites.fract_transf_vector[1]      -0.069077 
_atom_sites.fract_transf_vector[2]      0.159426 
_atom_sites.fract_transf_vector[3]      -0.078279 
# 
loop_
_atom_type.symbol 
C 
N 
O 
S 
# 
loop_
_atom_site.group_PDB 
_atom_site.id 
_atom_site.type_symbol 
_atom_site.label_atom_id 
_atom_site.label_alt_id 
_atom_site.label_comp_id 
_atom_site.label_asym_id 
_atom_site.label_entity_id 
_atom_site.label_seq_id 
_atom_site.pdbx_PDB_ins_code 
_atom_site.Cartn_x 
_atom_site.Cartn_y 
_atom_site.Cartn_z 
_atom_site.occupancy 
_atom_site.B_iso_or_equiv 
_atom_site.pdbx_formal_charge 
_atom_site.auth_seq_id 
_atom_site.auth_comp_id 
_atom_site.auth_asym_id 
_atom_site.auth_atom_id 
_atom_site.pdbx_PDB_model_num 
ATOM   1   N N   . GLY A 1 1  ? -5.344 5.031  -2.684  1.00 19.14 ? 1   GLY A N   1 
ATOM   2   C CA  . GLY A 1 1  ? -4.051 5.646  -2.947  1.00 18.28 ? 1   GLY A CA  1 
ATOM   3   C C   . GLY A 1 1  ? -2.994 4.601  -3.249  1.00 19.66 ? 1   GLY A C   1 
ATOM   4   O O   . GLY A 1 1  ? -3.284 3.575  -3.868  1.00 20.24 ? 1   GLY A O   1 
ATOM   5   N N   . CYS A 1 2  ? -1.766 4.863  -2.803  1.00 19.41 ? 2   CYS A N   1 
ATOM   6   C CA  . CYS A 1 2  ? -0.646 3.951  -3.004  1.00 19.45 ? 2   CYS A CA  1 
ATOM   7   C C   . CYS A 1 2  ? -1.016 2.510  -2.667  1.00 20.40 ? 2   CYS A C   1 
ATOM   8   O O   . CYS A 1 2  ? -0.698 1.579  -3.414  1.00 19.31 ? 2   CYS A O   1 
ATOM   9   C CB  . CYS A 1 2  ? 0.551  4.384  -2.152  1.00 18.12 ? 2   CYS A CB  1 
ATOM   10  S SG  . CYS A 1 2  ? 1.987  3.250  -2.206  1.00 20.82 ? 2   CYS A SG  1 
ATOM   11  N N   . CYS A 1 3  ? -1.700 2.328  -1.544  1.00 16.97 ? 3   CYS A N   1 
ATOM   12  C CA  . CYS A 1 3  ? -1.911 0.984  -1.033  1.00 15.85 ? 3   CYS A CA  1 
ATOM   13  C C   . CYS A 1 3  ? -2.941 0.197  -1.852  1.00 16.83 ? 3   CYS A C   1 
ATOM   14  O O   . CYS A 1 3  ? -3.062 -1.029 -1.673  1.00 16.59 ? 3   CYS A O   1 
ATOM   15  C CB  . CYS A 1 3  ? -2.303 1.051  0.442   1.00 19.36 ? 3   CYS A CB  1 
ATOM   16  S SG  . CYS A 1 3  ? -0.991 1.790  1.451   1.00 22.50 ? 3   CYS A SG  1 
ATOM   17  N N   . SER A 1 4  ? -3.632 0.887  -2.765  1.00 18.08 ? 4   SER A N   1 
ATOM   18  C CA  A SER A 1 4  ? -4.585 0.236  -3.662  0.46 18.36 ? 4   SER A CA  1 
ATOM   19  C CA  B SER A 1 4  ? -4.586 0.253  -3.671  0.54 18.36 ? 4   SER A CA  1 
ATOM   20  C C   . SER A 1 4  ? -3.946 -0.068 -5.017  1.00 19.26 ? 4   SER A C   1 
ATOM   21  O O   . SER A 1 4  ? -4.580 -0.666 -5.886  1.00 21.84 ? 4   SER A O   1 
ATOM   22  C CB  A SER A 1 4  ? -5.838 1.099  -3.855  0.46 18.96 ? 4   SER A CB  1 
ATOM   23  C CB  B SER A 1 4  ? -5.815 1.144  -3.881  0.54 18.98 ? 4   SER A CB  1 
ATOM   24  O OG  A SER A 1 4  ? -5.571 2.220  -4.682  0.46 16.72 ? 4   SER A OG  1 
ATOM   25  O OG  B SER A 1 4  ? -6.510 1.330  -2.666  0.54 18.60 ? 4   SER A OG  1 
ATOM   26  N N   . ASP A 1 5  ? -2.687 0.338  -5.186  1.00 16.54 ? 5   ASP A N   1 
ATOM   27  C CA  A ASP A 1 5  ? -1.898 0.019  -6.377  0.51 16.10 ? 5   ASP A CA  1 
ATOM   28  C CA  B ASP A 1 5  ? -1.937 -0.027 -6.379  0.49 16.08 ? 5   ASP A CA  1 
ATOM   29  C C   . ASP A 1 5  ? -0.962 -1.126 -6.012  1.00 18.90 ? 5   ASP A C   1 
ATOM   30  O O   . ASP A 1 5  ? -0.070 -0.923 -5.205  1.00 18.21 ? 5   ASP A O   1 
ATOM   31  C CB  A ASP A 1 5  ? -1.113 1.268  -6.828  0.51 17.43 ? 5   ASP A CB  1 
ATOM   32  C CB  B ASP A 1 5  ? -1.193 1.172  -6.971  0.49 17.58 ? 5   ASP A CB  1 
ATOM   33  C CG  A ASP A 1 5  ? -0.111 0.996  -7.952  0.51 22.01 ? 5   ASP A CG  1 
ATOM   34  C CG  B ASP A 1 5  ? -0.324 0.785  -8.150  0.49 22.09 ? 5   ASP A CG  1 
ATOM   35  O OD1 A ASP A 1 5  ? 0.060  -0.161 -8.395  0.51 25.42 ? 5   ASP A OD1 1 
ATOM   36  O OD1 B ASP A 1 5  ? 0.906  0.663  -7.967  0.49 22.21 ? 5   ASP A OD1 1 
ATOM   37  O OD2 A ASP A 1 5  ? 0.536  1.975  -8.386  0.51 22.06 ? 5   ASP A OD2 1 
ATOM   38  O OD2 B ASP A 1 5  ? -0.869 0.576  -9.254  0.49 21.80 ? 5   ASP A OD2 1 
ATOM   39  N N   . PRO A 1 6  ? -1.146 -2.317 -6.608  1.00 19.03 ? 6   PRO A N   1 
ATOM   40  C CA  . PRO A 1 6  ? -0.359 -3.482 -6.162  1.00 18.86 ? 6   PRO A CA  1 
ATOM   41  C C   . PRO A 1 6  ? 1.162  -3.270 -6.131  1.00 16.77 ? 6   PRO A C   1 
ATOM   42  O O   . PRO A 1 6  ? 1.838  -3.752 -5.210  1.00 18.01 ? 6   PRO A O   1 
ATOM   43  C CB  . PRO A 1 6  ? -0.732 -4.561 -7.183  1.00 21.75 ? 6   PRO A CB  1 
ATOM   44  C CG  . PRO A 1 6  ? -2.130 -4.217 -7.574  1.00 19.88 ? 6   PRO A CG  1 
ATOM   45  C CD  . PRO A 1 6  ? -2.185 -2.693 -7.585  1.00 20.97 ? 6   PRO A CD  1 
ATOM   46  N N   . ARG A 1 7  ? 1.688  -2.563 -7.123  1.00 17.19 ? 7   ARG A N   1 
ATOM   47  C CA  . ARG A 1 7  ? 3.120  -2.293 -7.174  1.00 19.84 ? 7   ARG A CA  1 
ATOM   48  C C   . ARG A 1 7  ? 3.555  -1.371 -6.025  1.00 20.18 ? 7   ARG A C   1 
ATOM   49  O O   . ARG A 1 7  ? 4.551  -1.623 -5.311  1.00 17.91 ? 7   ARG A O   1 
ATOM   50  C CB  . ARG A 1 7  ? 3.471  -1.675 -8.525  1.00 21.87 ? 7   ARG A CB  1 
ATOM   51  C CG  . ARG A 1 7  ? 4.947  -1.404 -8.705  1.00 28.03 ? 7   ARG A CG  1 
ATOM   52  C CD  . ARG A 1 7  ? 5.227  -0.842 -10.088 1.00 30.10 ? 7   ARG A CD  1 
ATOM   53  N NE  . ARG A 1 7  ? 4.776  0.539  -10.249 1.00 32.53 ? 7   ARG A NE  1 
ATOM   54  C CZ  . ARG A 1 7  ? 5.562  1.597  -10.070 1.00 29.59 ? 7   ARG A CZ  1 
ATOM   55  N NH1 . ARG A 1 7  ? 6.832  1.427  -9.722  1.00 27.42 ? 7   ARG A NH1 1 
ATOM   56  N NH2 . ARG A 1 7  ? 5.086  2.824  -10.243 1.00 32.43 ? 7   ARG A NH2 1 
ATOM   57  N N   . CYS A 1 8  ? 2.786  -0.300 -5.843  1.00 18.50 ? 8   CYS A N   1 
ATOM   58  C CA  . CYS A 1 8  ? 3.091  0.670  -4.798  1.00 17.64 ? 8   CYS A CA  1 
ATOM   59  C C   . CYS A 1 8  ? 2.955  0.035  -3.420  1.00 17.15 ? 8   CYS A C   1 
ATOM   60  O O   . CYS A 1 8  ? 3.753  0.282  -2.505  1.00 18.61 ? 8   CYS A O   1 
ATOM   61  C CB  . CYS A 1 8  ? 2.167  1.881  -4.921  1.00 18.72 ? 8   CYS A CB  1 
ATOM   62  S SG  . CYS A 1 8  ? 2.789  3.362  -4.090  1.00 20.66 ? 8   CYS A SG  1 
ATOM   63  N N   . ASN A 1 9  ? 1.914  -0.787 -3.293  1.00 16.30 ? 9   ASN A N   1 
ATOM   64  C CA  . ASN A 1 9  ? 1.639  -1.521 -2.070  1.00 16.43 ? 9   ASN A CA  1 
ATOM   65  C C   . ASN A 1 9  ? 2.817  -2.442 -1.733  1.00 17.90 ? 9   ASN A C   1 
ATOM   66  O O   . ASN A 1 9  ? 3.336  -2.406 -0.616  1.00 17.44 ? 9   ASN A O   1 
ATOM   67  C CB  . ASN A 1 9  ? 0.311  -2.291 -2.229  1.00 14.89 ? 9   ASN A CB  1 
ATOM   68  C CG  . ASN A 1 9  ? -0.060 -3.124 -1.003  1.00 17.41 ? 9   ASN A CG  1 
ATOM   69  O OD1 . ASN A 1 9  ? 0.695  -3.986 -0.583  1.00 18.66 ? 9   ASN A OD1 1 
ATOM   70  N ND2 . ASN A 1 9  ? -1.250 -2.889 -0.456  1.00 17.95 ? 9   ASN A ND2 1 
ATOM   71  N N   . TYR A 1 10 ? 3.248  -3.245 -2.706  1.00 16.84 ? 10  TYR A N   1 
ATOM   72  C CA  . TYR A 1 10 ? 4.410  -4.110 -2.517  1.00 16.60 ? 10  TYR A CA  1 
ATOM   73  C C   . TYR A 1 10 ? 5.640  -3.322 -2.043  1.00 18.96 ? 10  TYR A C   1 
ATOM   74  O O   . TYR A 1 10 ? 6.338  -3.746 -1.109  1.00 16.60 ? 10  TYR A O   1 
ATOM   75  C CB  . TYR A 1 10 ? 4.745  -4.850 -3.815  1.00 18.49 ? 10  TYR A CB  1 
ATOM   76  C CG  . TYR A 1 10 ? 5.984  -5.718 -3.709  1.00 18.60 ? 10  TYR A CG  1 
ATOM   77  C CD1 . TYR A 1 10 ? 5.894  -7.049 -3.311  1.00 20.04 ? 10  TYR A CD1 1 
ATOM   78  C CD2 . TYR A 1 10 ? 7.248  -5.199 -4.000  1.00 20.52 ? 10  TYR A CD2 1 
ATOM   79  C CE1 . TYR A 1 10 ? 7.022  -7.843 -3.209  1.00 18.67 ? 10  TYR A CE1 1 
ATOM   80  C CE2 . TYR A 1 10 ? 8.380  -5.982 -3.899  1.00 19.31 ? 10  TYR A CE2 1 
ATOM   81  C CZ  . TYR A 1 10 ? 8.262  -7.301 -3.501  1.00 19.03 ? 10  TYR A CZ  1 
ATOM   82  O OH  . TYR A 1 10 ? 9.388  -8.089 -3.398  1.00 19.82 ? 10  TYR A OH  1 
ATOM   83  N N   . ASP A 1 11 ? 5.886  -2.181 -2.691  1.00 18.37 ? 11  ASP A N   1 
ATOM   84  C CA  . ASP A 1 11 ? 7.068  -1.349 -2.380  1.00 16.91 ? 11  ASP A CA  1 
ATOM   85  C C   . ASP A 1 11 ? 6.965  -0.560 -1.068  1.00 19.84 ? 11  ASP A C   1 
ATOM   86  O O   . ASP A 1 11 ? 7.976  -0.031 -0.587  1.00 20.43 ? 11  ASP A O   1 
ATOM   87  C CB  . ASP A 1 11 ? 7.337  -0.359 -3.519  1.00 17.61 ? 11  ASP A CB  1 
ATOM   88  C CG  . ASP A 1 11 ? 8.000  -1.005 -4.719  1.00 27.74 ? 11  ASP A CG  1 
ATOM   89  O OD1 . ASP A 1 11 ? 7.829  -0.488 -5.839  1.00 20.56 ? 11  ASP A OD1 1 
ATOM   90  O OD2 . ASP A 1 11 ? 8.700  -2.027 -4.549  1.00 23.88 ? 11  ASP A OD2 1 
ATOM   91  N N   . HIS A 1 12 ? 5.761  -0.470 -0.494  1.00 18.86 ? 12  HIS A N   1 
ATOM   92  C CA  . HIS A 1 12 ? 5.559  0.300  0.734   1.00 17.22 ? 12  HIS A CA  1 
ATOM   93  C C   . HIS A 1 12 ? 4.852  -0.484 1.856   1.00 19.71 ? 12  HIS A C   1 
ATOM   94  O O   . HIS A 1 12 ? 3.759  -0.082 2.319   1.00 21.74 ? 12  HIS A O   1 
ATOM   95  C CB  . HIS A 1 12 ? 4.728  1.575  0.451   1.00 16.23 ? 12  HIS A CB  1 
ATOM   96  C CG  . HIS A 1 12 ? 5.337  2.520  -0.541  1.00 17.91 ? 12  HIS A CG  1 
ATOM   97  N ND1 . HIS A 1 12 ? 5.193  2.369  -1.905  1.00 18.79 ? 12  HIS A ND1 1 
ATOM   98  C CD2 . HIS A 1 12 ? 6.032  3.673  -0.364  1.00 19.41 ? 12  HIS A CD2 1 
ATOM   99  C CE1 . HIS A 1 12 ? 5.789  3.376  -2.524  1.00 19.75 ? 12  HIS A CE1 1 
ATOM   100 N NE2 . HIS A 1 12 ? 6.297  4.185  -1.611  1.00 20.41 ? 12  HIS A NE2 1 
ATOM   101 N N   . PRO A 1 13 ? 5.468  -1.585 2.320   1.00 18.81 ? 13  PRO A N   1 
ATOM   102 C CA  . PRO A 1 13 ? 4.817  -2.425 3.334   1.00 19.97 ? 13  PRO A CA  1 
ATOM   103 C C   . PRO A 1 13 ? 4.618  -1.725 4.676   1.00 19.42 ? 13  PRO A C   1 
ATOM   104 O O   . PRO A 1 13 ? 3.680  -2.065 5.393   1.00 22.79 ? 13  PRO A O   1 
ATOM   105 C CB  . PRO A 1 13 ? 5.776  -3.612 3.476   1.00 21.20 ? 13  PRO A CB  1 
ATOM   106 C CG  . PRO A 1 13 ? 7.118  -3.058 3.068   1.00 21.89 ? 13  PRO A CG  1 
ATOM   107 C CD  . PRO A 1 13 ? 6.798  -2.099 1.948   1.00 18.88 ? 13  PRO A CD  1 
ATOM   108 N N   . GLU A 1 14 ? 5.461  -0.756 5.014   1.00 21.44 ? 14  GLU A N   1 
ATOM   109 C CA  A GLU A 1 14 ? 5.314  -0.083 6.297   0.38 21.10 ? 14  GLU A CA  1 
ATOM   110 C CA  B GLU A 1 14 ? 5.339  -0.048 6.282   0.62 21.06 ? 14  GLU A CA  1 
ATOM   111 C C   . GLU A 1 14 ? 4.089  0.831  6.284   1.00 22.26 ? 14  GLU A C   1 
ATOM   112 O O   . GLU A 1 14 ? 3.263  0.758  7.184   1.00 28.13 ? 14  GLU A O   1 
ATOM   113 C CB  A GLU A 1 14 ? 6.573  0.705  6.655   0.38 22.69 ? 14  GLU A CB  1 
ATOM   114 C CB  B GLU A 1 14 ? 6.590  0.797  6.545   0.62 22.71 ? 14  GLU A CB  1 
ATOM   115 C CG  A GLU A 1 14 ? 6.532  1.284  8.054   0.38 24.19 ? 14  GLU A CG  1 
ATOM   116 C CG  B GLU A 1 14 ? 7.886  0.000  6.567   0.62 25.03 ? 14  GLU A CG  1 
ATOM   117 C CD  A GLU A 1 14 ? 7.871  1.845  8.497   0.38 26.32 ? 14  GLU A CD  1 
ATOM   118 C CD  B GLU A 1 14 ? 8.673  0.052  5.252   0.62 28.49 ? 14  GLU A CD  1 
ATOM   119 O OE1 A GLU A 1 14 ? 8.911  1.282  8.100   0.38 28.42 ? 14  GLU A OE1 1 
ATOM   120 O OE1 B GLU A 1 14 ? 8.075  0.303  4.176   0.62 17.24 ? 14  GLU A OE1 1 
ATOM   121 O OE2 A GLU A 1 14 ? 7.878  2.849  9.239   0.38 27.73 ? 14  GLU A OE2 1 
ATOM   122 O OE2 B GLU A 1 14 ? 9.904  -0.160 5.310   0.62 21.62 ? 14  GLU A OE2 1 
ATOM   123 N N   . ILE A 1 15 ? 3.963  1.663  5.254   1.00 21.81 ? 15  ILE A N   1 
ATOM   124 C CA  . ILE A 1 15 ? 2.819  2.557  5.100   1.00 22.60 ? 15  ILE A CA  1 
ATOM   125 C C   . ILE A 1 15 ? 1.520  1.794  4.888   1.00 24.05 ? 15  ILE A C   1 
ATOM   126 O O   . ILE A 1 15 ? 0.460  2.223  5.361   1.00 31.59 ? 15  ILE A O   1 
ATOM   127 C CB  . ILE A 1 15 ? 3.034  3.527  3.910   1.00 25.19 ? 15  ILE A CB  1 
ATOM   128 C CG1 . ILE A 1 15 ? 4.131  4.533  4.241   1.00 33.87 ? 15  ILE A CG1 1 
ATOM   129 C CG2 . ILE A 1 15 ? 1.741  4.255  3.538   1.00 31.98 ? 15  ILE A CG2 1 
ATOM   130 C CD1 . ILE A 1 15 ? 3.664  5.641  5.131   1.00 38.00 ? 15  ILE A CD1 1 
ATOM   131 N N   . CYS A 1 16 ? 1.586  0.660  4.186   1.00 21.55 ? 16  CYS A N   1 
ATOM   132 C CA  . CYS A 1 16 ? 0.362  -0.055 3.827   1.00 20.28 ? 16  CYS A CA  1 
ATOM   133 C C   . CYS A 1 16 ? 0.014  -1.182 4.794   1.00 24.75 ? 16  CYS A C   1 
ATOM   134 O O   . CYS A 1 16 ? -1.061 -1.779 4.705   1.00 25.65 ? 16  CYS A O   1 
ATOM   135 C CB  . CYS A 1 16 ? 0.480  -0.599 2.403   1.00 20.38 ? 16  CYS A CB  1 
ATOM   136 S SG  . CYS A 1 16 ? 0.676  0.675  1.150   1.00 19.97 ? 16  CYS A SG  1 
ATOM   137 N N   . GLY A 1 17 ? 0.921  -1.448 5.729   1.00 26.30 ? 17  GLY A N   1 
ATOM   138 C CA  . GLY A 1 17 ? 0.810  -2.585 6.622   1.00 27.91 ? 17  GLY A CA  1 
ATOM   139 C C   . GLY A 1 17 ? -0.180 -2.435 7.756   1.00 36.82 ? 17  GLY A C   1 
ATOM   140 O O   . GLY A 1 17 ? -0.517 -3.416 8.416   1.00 43.02 ? 17  GLY A O   1 
ATOM   141 N N   . GLY A 1 18 ? -0.634 -1.212 8.002   1.00 30.96 ? 18  GLY A N   1 
ATOM   142 C CA  . GLY A 1 18 ? -1.701 -0.999 8.964   1.00 39.72 ? 18  GLY A CA  1 
ATOM   143 C C   . GLY A 1 18 ? -2.994 -1.505 8.359   1.00 43.57 ? 18  GLY A C   1 
ATOM   144 O O   . GLY A 1 18 ? -3.249 -2.708 8.309   1.00 45.93 ? 18  GLY A O   1 
ATOM   145 N N   . ALA A 1 19 ? -3.815 -0.580 7.891   1.00 46.48 ? 19  ALA A N   1 
ATOM   146 C CA  . ALA A 1 19 ? -4.902 -0.944 6.997   1.00 37.28 ? 19  ALA A CA  1 
ATOM   147 C C   . ALA A 1 19 ? -4.554 -0.392 5.617   1.00 39.31 ? 19  ALA A C   1 
ATOM   148 O O   . ALA A 1 19 ? -4.268 0.800  5.469   1.00 42.02 ? 19  ALA A O   1 
ATOM   149 C CB  . ALA A 1 19 ? -6.224 -0.399 7.488   1.00 37.85 ? 19  ALA A CB  1 
ATOM   150 N N   . ALA A 1 20 ? -4.530 -1.268 4.619   1.00 26.69 ? 20  ALA A N   1 
ATOM   151 C CA  . ALA A 1 20 ? -4.288 -0.832 3.250   1.00 24.07 ? 20  ALA A CA  1 
ATOM   152 C C   . ALA A 1 20 ? -5.551 -0.175 2.705   1.00 28.02 ? 20  ALA A C   1 
ATOM   153 O O   . ALA A 1 20 ? -6.606 -0.809 2.644   1.00 29.84 ? 20  ALA A O   1 
ATOM   154 C CB  . ALA A 1 20 ? -3.863 -2.005 2.375   1.00 25.68 ? 20  ALA A CB  1 
ATOM   155 N N   . GLY A 1 21 ? -5.446 1.096  2.326   1.00 25.06 ? 21  GLY A N   1 
ATOM   156 C CA  . GLY A 1 21 ? -6.588 1.832  1.813   1.00 23.37 ? 21  GLY A CA  1 
ATOM   157 C C   . GLY A 1 21 ? -6.314 2.494  0.473   1.00 24.63 ? 21  GLY A C   1 
ATOM   158 O O   . GLY A 1 21 ? -5.515 2.002  -0.331  1.00 23.48 ? 21  GLY A O   1 
ATOM   159 N N   . GLY A 1 22 ? -6.979 3.618  0.233   1.00 22.40 ? 22  GLY A N   1 
ATOM   160 C CA  . GLY A 1 22 ? -6.897 4.306  -1.048  1.00 22.78 ? 22  GLY A CA  1 
ATOM   161 C C   . GLY A 1 22 ? -5.531 4.880  -1.364  1.00 21.16 ? 22  GLY A C   1 
ATOM   162 O O   . GLY A 1 22 ? -4.751 5.182  -0.457  1.00 27.00 ? 22  GLY A O   1 
HETATM 163 O O   . HOH B 2 .  ? 10.626 -3.005 -3.972  1.00 42.83 ? 101 HOH A O   1 
HETATM 164 O O   . HOH B 2 .  ? 5.966  3.814  9.953   1.00 38.73 ? 102 HOH A O   1 
HETATM 165 O O   . HOH B 2 .  ? -1.054 -4.676 10.489  1.00 32.90 ? 103 HOH A O   1 
HETATM 166 O O   . HOH B 2 .  ? -5.420 2.954  6.282   1.00 36.71 ? 104 HOH A O   1 
HETATM 167 O O   . HOH B 2 .  ? -2.337 4.515  0.277   1.00 24.50 ? 105 HOH A O   1 
HETATM 168 O O   . HOH B 2 .  ? 2.065  1.448  -10.447 1.00 36.55 ? 106 HOH A O   1 
HETATM 169 O O   . HOH B 2 .  ? 9.818  -3.327 -6.548  1.00 45.60 ? 107 HOH A O   1 
HETATM 170 O O   . HOH B 2 .  ? 2.214  -6.178 -0.307  1.00 20.43 ? 108 HOH A O   1 
HETATM 171 O O   . HOH B 2 .  ? -1.543 1.416  6.951   1.00 45.05 ? 109 HOH A O   1 
HETATM 172 O O   . HOH B 2 .  ? 2.135  -0.023 9.493   1.00 44.05 ? 110 HOH A O   1 
HETATM 173 O O   . HOH B 2 .  ? 6.212  2.150  3.418   1.00 23.20 ? 111 HOH A O   1 
HETATM 174 O O   . HOH B 2 .  ? -5.031 0.093  -8.475  1.00 26.89 ? 112 HOH A O   1 
HETATM 175 O O   . HOH B 2 .  ? 8.174  -0.930 -8.518  1.00 35.19 ? 113 HOH A O   1 
HETATM 176 O O   . HOH B 2 .  ? 0.400  -2.308 -10.080 1.00 34.15 ? 114 HOH A O   1 
HETATM 177 O O   . HOH B 2 .  ? 9.383  1.023  1.567   1.00 20.12 ? 115 HOH A O   1 
HETATM 178 O O   . HOH B 2 .  ? 6.919  6.898  -1.658  1.00 19.73 ? 116 HOH A O   1 
HETATM 179 O O   . HOH B 2 .  ? -7.581 4.099  -4.250  1.00 23.48 ? 117 HOH A O   1 
HETATM 180 O O   . HOH B 2 .  ? 3.585  -4.867 6.336   1.00 32.77 ? 118 HOH A O   1 
HETATM 181 O O   . HOH B 2 .  ? 11.189 -0.994 7.929   1.00 38.31 ? 119 HOH A O   1 
HETATM 182 O O   . HOH B 2 .  ? 6.700  -3.257 -6.904  1.00 36.23 ? 120 HOH A O   1 
HETATM 183 O O   . HOH B 2 .  ? -5.896 -2.227 -9.327  1.00 29.15 ? 121 HOH A O   1 
# 
